data_1F17
#
_entry.id   1F17
#
_cell.length_a   50.190
_cell.length_b   86.440
_cell.length_c   168.600
_cell.angle_alpha   90.00
_cell.angle_beta   90.00
_cell.angle_gamma   90.00
#
_symmetry.space_group_name_H-M   'P 21 21 21'
#
loop_
_entity.id
_entity.type
_entity.pdbx_description
1 polymer 'L-3-HYDROXYACYL-COA DEHYDROGENASE'
2 non-polymer '1,4-DIHYDRONICOTINAMIDE ADENINE DINUCLEOTIDE'
3 water water
#
_entity_poly.entity_id   1
_entity_poly.type   'polypeptide(L)'
_entity_poly.pdbx_seq_one_letter_code
;SSSSTASASAKKIIVKHVTVIGGGLMGAGIAQVAAATGHTVVLVDQTEDILAKSKKGIEESLRKVAKKKFAENPKAGDEC
VEKTLSTIATSTDAASVVHSTDLVVEAIVENLKVKNELFKRLDKFAAEHTIFASNTSSLQITSIANATTRQDRFAGLHFF
NPVPVMKLVEVIKTPMTSQKTFESLVDFSKALGKHPVSCKDTPGFIVNRLLVPYLMEAIRLYERGDASKEDIDTAMKLGA
GYPMGPFELLDYVGLDTTKFIVDGWHEMDAENPLHQPSPSLNKLVAENKFGKKTGEGFYKYKLEHHHHHH
;
_entity_poly.pdbx_strand_id   A,B
#
# COMPACT_ATOMS: atom_id res chain seq x y z
N LYS A 12 14.50 -5.75 35.33
CA LYS A 12 14.87 -5.27 33.96
C LYS A 12 16.35 -5.01 33.75
N ILE A 13 16.94 -5.76 32.82
CA ILE A 13 18.36 -5.58 32.49
C ILE A 13 18.34 -4.88 31.14
N ILE A 14 18.97 -3.72 31.06
CA ILE A 14 18.98 -2.95 29.82
C ILE A 14 20.07 -3.39 28.88
N VAL A 15 19.68 -3.77 27.66
CA VAL A 15 20.60 -4.21 26.63
C VAL A 15 21.67 -3.18 26.27
N LYS A 16 22.91 -3.49 26.59
CA LYS A 16 24.02 -2.60 26.29
C LYS A 16 25.02 -3.25 25.34
N HIS A 17 25.17 -4.57 25.44
CA HIS A 17 26.07 -5.30 24.56
C HIS A 17 25.25 -6.19 23.65
N VAL A 18 25.42 -6.02 22.36
CA VAL A 18 24.67 -6.80 21.39
C VAL A 18 25.57 -7.58 20.45
N THR A 19 25.19 -8.83 20.21
CA THR A 19 25.93 -9.68 19.31
C THR A 19 25.04 -9.87 18.09
N VAL A 20 25.48 -9.35 16.95
CA VAL A 20 24.70 -9.46 15.72
C VAL A 20 25.35 -10.53 14.88
N ILE A 21 24.62 -11.61 14.62
CA ILE A 21 25.16 -12.70 13.83
C ILE A 21 24.64 -12.67 12.41
N GLY A 22 25.55 -12.41 11.49
CA GLY A 22 25.21 -12.33 10.08
C GLY A 22 25.54 -10.93 9.61
N GLY A 23 26.58 -10.80 8.78
CA GLY A 23 26.98 -9.48 8.30
C GLY A 23 26.49 -9.15 6.90
N GLY A 24 25.34 -9.72 6.54
CA GLY A 24 24.77 -9.46 5.23
C GLY A 24 23.96 -8.18 5.24
N LEU A 25 23.10 -8.03 4.25
CA LEU A 25 22.26 -6.86 4.12
C LEU A 25 21.61 -6.42 5.44
N MET A 26 20.90 -7.33 6.09
CA MET A 26 20.20 -7.04 7.34
C MET A 26 21.05 -6.91 8.60
N GLY A 27 21.90 -7.90 8.85
CA GLY A 27 22.74 -7.87 10.03
C GLY A 27 23.65 -6.67 10.10
N ALA A 28 24.22 -6.31 8.95
CA ALA A 28 25.14 -5.18 8.87
C ALA A 28 24.42 -3.90 9.27
N GLY A 29 23.17 -3.77 8.85
CA GLY A 29 22.39 -2.59 9.19
C GLY A 29 22.04 -2.58 10.66
N ILE A 30 21.61 -3.73 11.19
CA ILE A 30 21.27 -3.83 12.60
C ILE A 30 22.48 -3.42 13.41
N ALA A 31 23.63 -3.97 13.05
CA ALA A 31 24.87 -3.66 13.73
C ALA A 31 25.16 -2.17 13.68
N GLN A 32 24.96 -1.58 12.50
CA GLN A 32 25.20 -0.17 12.29
C GLN A 32 24.36 0.71 13.20
N VAL A 33 23.07 0.43 13.25
CA VAL A 33 22.14 1.19 14.08
C VAL A 33 22.39 1.00 15.57
N ALA A 34 22.73 -0.21 15.97
CA ALA A 34 22.97 -0.48 17.39
C ALA A 34 24.20 0.29 17.82
N ALA A 35 25.22 0.24 16.97
CA ALA A 35 26.47 0.92 17.24
C ALA A 35 26.30 2.44 17.28
N ALA A 36 25.47 2.97 16.40
CA ALA A 36 25.26 4.41 16.32
C ALA A 36 24.42 4.95 17.47
N THR A 37 23.76 4.06 18.20
CA THR A 37 22.92 4.49 19.30
C THR A 37 23.52 4.16 20.67
N GLY A 38 24.84 4.03 20.70
CA GLY A 38 25.52 3.77 21.96
C GLY A 38 25.58 2.35 22.51
N HIS A 39 25.32 1.35 21.68
CA HIS A 39 25.40 -0.02 22.16
C HIS A 39 26.74 -0.60 21.75
N THR A 40 27.30 -1.46 22.60
CA THR A 40 28.58 -2.10 22.28
C THR A 40 28.15 -3.23 21.36
N VAL A 41 28.83 -3.37 20.22
CA VAL A 41 28.45 -4.40 19.28
C VAL A 41 29.54 -5.35 18.83
N VAL A 42 29.13 -6.59 18.58
CA VAL A 42 30.05 -7.59 18.04
C VAL A 42 29.35 -8.19 16.84
N LEU A 43 29.92 -7.97 15.67
CA LEU A 43 29.36 -8.49 14.43
C LEU A 43 30.05 -9.81 14.14
N VAL A 44 29.26 -10.81 13.77
CA VAL A 44 29.80 -12.14 13.51
C VAL A 44 29.47 -12.68 12.14
N ASP A 45 30.42 -13.38 11.55
CA ASP A 45 30.23 -14.03 10.26
C ASP A 45 31.30 -15.09 10.05
N GLN A 46 31.12 -15.91 9.03
CA GLN A 46 32.00 -17.04 8.76
C GLN A 46 33.50 -16.78 8.59
N THR A 47 33.89 -15.71 7.89
CA THR A 47 35.32 -15.43 7.72
C THR A 47 35.66 -13.97 7.96
N GLU A 48 36.95 -13.70 8.06
CA GLU A 48 37.43 -12.35 8.29
C GLU A 48 37.19 -11.49 7.07
N ASP A 49 37.23 -12.09 5.89
CA ASP A 49 37.01 -11.35 4.66
C ASP A 49 35.58 -10.85 4.64
N ILE A 50 34.64 -11.79 4.78
CA ILE A 50 33.23 -11.44 4.80
C ILE A 50 33.03 -10.31 5.81
N LEU A 51 33.63 -10.45 6.98
CA LEU A 51 33.52 -9.43 8.01
C LEU A 51 34.17 -8.11 7.59
N ALA A 52 35.40 -8.18 7.08
CA ALA A 52 36.10 -6.97 6.66
C ALA A 52 35.24 -6.21 5.65
N LYS A 53 34.64 -6.95 4.73
CA LYS A 53 33.78 -6.37 3.71
C LYS A 53 32.48 -5.82 4.31
N SER A 54 31.89 -6.55 5.26
CA SER A 54 30.65 -6.08 5.90
C SER A 54 30.89 -4.77 6.61
N LYS A 55 31.92 -4.74 7.45
CA LYS A 55 32.24 -3.54 8.19
C LYS A 55 32.60 -2.41 7.23
N LYS A 56 33.20 -2.74 6.10
CA LYS A 56 33.55 -1.72 5.12
C LYS A 56 32.25 -1.11 4.59
N GLY A 57 31.27 -1.97 4.32
CA GLY A 57 29.99 -1.49 3.82
C GLY A 57 29.30 -0.62 4.85
N ILE A 58 29.57 -0.88 6.12
CA ILE A 58 28.96 -0.11 7.18
C ILE A 58 29.62 1.27 7.23
N GLU A 59 30.93 1.29 7.03
CA GLU A 59 31.70 2.53 7.04
C GLU A 59 31.21 3.44 5.92
N GLU A 60 31.18 2.88 4.70
CA GLU A 60 30.74 3.64 3.55
C GLU A 60 29.33 4.16 3.78
N SER A 61 28.51 3.38 4.48
CA SER A 61 27.14 3.81 4.75
C SER A 61 27.16 4.94 5.75
N LEU A 62 28.05 4.85 6.72
CA LEU A 62 28.16 5.87 7.74
C LEU A 62 28.74 7.15 7.15
N ARG A 63 29.83 7.00 6.38
CA ARG A 63 30.45 8.17 5.76
C ARG A 63 29.49 8.86 4.83
N LYS A 64 28.57 8.11 4.23
CA LYS A 64 27.60 8.69 3.32
C LYS A 64 26.61 9.56 4.07
N VAL A 65 26.13 9.10 5.21
CA VAL A 65 25.18 9.88 6.00
C VAL A 65 25.90 11.05 6.65
N ALA A 66 27.16 10.82 7.03
CA ALA A 66 27.96 11.85 7.67
C ALA A 66 28.14 13.04 6.74
N LYS A 67 28.57 12.77 5.50
CA LYS A 67 28.79 13.83 4.51
C LYS A 67 27.49 14.55 4.16
N LYS A 68 26.38 14.11 4.73
CA LYS A 68 25.10 14.73 4.46
C LYS A 68 24.51 15.36 5.72
N LYS A 69 24.99 14.93 6.87
CA LYS A 69 24.50 15.50 8.13
C LYS A 69 25.52 16.50 8.65
N PHE A 70 26.79 16.26 8.40
CA PHE A 70 27.86 17.15 8.86
C PHE A 70 28.55 17.91 7.74
N ALA A 71 27.80 18.30 6.71
CA ALA A 71 28.40 19.04 5.60
C ALA A 71 29.10 20.30 6.13
N GLU A 72 28.51 20.91 7.16
CA GLU A 72 29.03 22.13 7.75
C GLU A 72 30.29 21.94 8.60
N ASN A 73 30.70 20.70 8.79
CA ASN A 73 31.90 20.42 9.57
C ASN A 73 32.33 18.99 9.34
N PRO A 74 33.01 18.74 8.21
CA PRO A 74 33.49 17.40 7.87
C PRO A 74 34.22 16.69 9.00
N LYS A 75 34.90 17.45 9.85
CA LYS A 75 35.61 16.83 10.97
C LYS A 75 34.64 16.23 11.97
N ALA A 76 33.53 16.93 12.18
CA ALA A 76 32.53 16.46 13.11
C ALA A 76 32.04 15.12 12.58
N GLY A 77 31.85 15.06 11.27
CA GLY A 77 31.41 13.84 10.64
C GLY A 77 32.42 12.73 10.85
N ASP A 78 33.69 13.03 10.64
CA ASP A 78 34.72 12.02 10.82
C ASP A 78 34.69 11.46 12.23
N GLU A 79 34.58 12.34 13.23
CA GLU A 79 34.54 11.87 14.63
C GLU A 79 33.36 10.94 14.83
N CYS A 80 32.19 11.35 14.35
CA CYS A 80 30.99 10.55 14.48
C CYS A 80 31.25 9.15 13.91
N VAL A 81 31.60 9.09 12.64
CA VAL A 81 31.86 7.83 11.96
C VAL A 81 32.87 6.94 12.67
N GLU A 82 33.97 7.53 13.12
CA GLU A 82 35.01 6.78 13.80
C GLU A 82 34.52 6.21 15.13
N LYS A 83 33.75 7.00 15.86
CA LYS A 83 33.22 6.58 17.15
C LYS A 83 32.29 5.38 16.98
N THR A 84 31.37 5.47 16.03
CA THR A 84 30.44 4.40 15.76
C THR A 84 31.13 3.12 15.31
N LEU A 85 32.03 3.27 14.35
CA LEU A 85 32.76 2.15 13.78
C LEU A 85 33.60 1.41 14.81
N SER A 86 34.10 2.15 15.79
CA SER A 86 34.96 1.56 16.81
C SER A 86 34.19 0.73 17.83
N THR A 87 32.89 1.00 17.98
CA THR A 87 32.09 0.24 18.93
C THR A 87 31.57 -1.02 18.25
N ILE A 88 32.15 -1.35 17.10
CA ILE A 88 31.75 -2.54 16.37
C ILE A 88 32.92 -3.51 16.25
N ALA A 89 33.02 -4.46 17.15
CA ALA A 89 34.08 -5.46 17.09
C ALA A 89 33.61 -6.53 16.12
N THR A 90 34.50 -7.39 15.68
CA THR A 90 34.13 -8.47 14.77
C THR A 90 34.74 -9.80 15.21
N SER A 91 33.96 -10.87 15.12
CA SER A 91 34.43 -12.20 15.49
C SER A 91 33.84 -13.25 14.56
N THR A 92 34.58 -14.33 14.33
CA THR A 92 34.11 -15.39 13.45
C THR A 92 33.35 -16.48 14.18
N ASP A 93 33.35 -16.45 15.51
CA ASP A 93 32.62 -17.44 16.29
C ASP A 93 31.92 -16.75 17.45
N ALA A 94 30.60 -16.63 17.33
CA ALA A 94 29.80 -15.95 18.36
C ALA A 94 29.92 -16.63 19.73
N ALA A 95 30.19 -17.92 19.74
CA ALA A 95 30.32 -18.67 20.99
C ALA A 95 31.39 -18.04 21.86
N SER A 96 32.31 -17.32 21.23
CA SER A 96 33.42 -16.69 21.94
C SER A 96 33.07 -15.40 22.64
N VAL A 97 31.87 -14.86 22.40
CA VAL A 97 31.51 -13.60 23.05
C VAL A 97 30.13 -13.56 23.67
N VAL A 98 29.29 -14.56 23.43
CA VAL A 98 27.95 -14.49 24.01
C VAL A 98 27.90 -14.74 25.51
N HIS A 99 29.01 -15.11 26.11
N HIS A 99 29.02 -15.11 26.10
CA HIS A 99 29.03 -15.35 27.55
CA HIS A 99 29.05 -15.35 27.54
C HIS A 99 28.93 -14.02 28.28
C HIS A 99 28.98 -14.01 28.29
N SER A 100 29.13 -12.92 27.55
CA SER A 100 29.05 -11.59 28.16
C SER A 100 28.26 -10.58 27.32
N THR A 101 27.28 -11.06 26.57
CA THR A 101 26.44 -10.18 25.75
C THR A 101 25.03 -10.19 26.35
N ASP A 102 24.28 -9.10 26.15
CA ASP A 102 22.93 -9.03 26.71
C ASP A 102 21.88 -9.51 25.73
N LEU A 103 22.18 -9.41 24.43
CA LEU A 103 21.25 -9.80 23.39
C LEU A 103 21.97 -10.32 22.16
N VAL A 104 21.42 -11.38 21.59
CA VAL A 104 21.96 -11.95 20.36
C VAL A 104 20.88 -11.69 19.31
N VAL A 105 21.26 -11.04 18.22
CA VAL A 105 20.31 -10.82 17.14
C VAL A 105 20.88 -11.55 15.95
N GLU A 106 20.20 -12.62 15.54
CA GLU A 106 20.63 -13.43 14.42
C GLU A 106 20.00 -13.04 13.09
N ALA A 107 20.83 -12.91 12.06
CA ALA A 107 20.35 -12.55 10.74
C ALA A 107 21.20 -13.27 9.70
N ILE A 108 21.19 -14.60 9.76
CA ILE A 108 21.96 -15.42 8.83
C ILE A 108 21.04 -16.06 7.82
N VAL A 109 21.58 -16.94 6.98
CA VAL A 109 20.81 -17.62 5.95
C VAL A 109 19.45 -18.08 6.48
N GLU A 110 18.41 -17.87 5.66
CA GLU A 110 17.05 -18.22 6.02
C GLU A 110 16.82 -19.73 5.94
N ASN A 111 17.45 -20.49 6.84
CA ASN A 111 17.32 -21.94 6.86
C ASN A 111 17.12 -22.40 8.30
N LEU A 112 15.98 -23.03 8.56
CA LEU A 112 15.66 -23.49 9.92
C LEU A 112 16.73 -24.34 10.59
N LYS A 113 17.26 -25.34 9.89
CA LYS A 113 18.27 -26.21 10.49
C LYS A 113 19.55 -25.46 10.86
N VAL A 114 20.02 -24.61 9.96
CA VAL A 114 21.23 -23.85 10.23
C VAL A 114 21.03 -22.95 11.44
N LYS A 115 19.86 -22.30 11.51
CA LYS A 115 19.54 -21.42 12.62
C LYS A 115 19.43 -22.19 13.94
N ASN A 116 18.71 -23.31 13.92
CA ASN A 116 18.57 -24.09 15.15
C ASN A 116 19.93 -24.56 15.65
N GLU A 117 20.76 -25.05 14.74
CA GLU A 117 22.08 -25.51 15.12
C GLU A 117 22.82 -24.37 15.80
N LEU A 118 22.79 -23.20 15.16
CA LEU A 118 23.45 -22.03 15.69
C LEU A 118 23.03 -21.77 17.14
N PHE A 119 21.73 -21.58 17.36
CA PHE A 119 21.21 -21.29 18.68
C PHE A 119 21.34 -22.41 19.70
N LYS A 120 21.37 -23.66 19.24
CA LYS A 120 21.51 -24.79 20.16
C LYS A 120 22.87 -24.71 20.82
N ARG A 121 23.88 -24.37 20.02
CA ARG A 121 25.25 -24.25 20.53
C ARG A 121 25.46 -22.99 21.37
N LEU A 122 24.96 -21.86 20.92
CA LEU A 122 25.14 -20.60 21.66
C LEU A 122 24.47 -20.65 23.02
N ASP A 123 23.41 -21.45 23.10
CA ASP A 123 22.65 -21.59 24.33
C ASP A 123 23.57 -22.03 25.47
N LYS A 124 24.65 -22.71 25.12
CA LYS A 124 25.61 -23.21 26.10
C LYS A 124 26.64 -22.18 26.57
N PHE A 125 26.92 -21.17 25.77
CA PHE A 125 27.90 -20.14 26.17
C PHE A 125 27.27 -18.85 26.71
N ALA A 126 26.07 -18.55 26.26
CA ALA A 126 25.38 -17.33 26.65
C ALA A 126 25.14 -17.17 28.13
N ALA A 127 25.30 -15.94 28.61
CA ALA A 127 25.07 -15.66 30.01
C ALA A 127 23.64 -16.07 30.31
N GLU A 128 23.34 -16.23 31.60
CA GLU A 128 22.01 -16.61 32.02
C GLU A 128 20.96 -15.62 31.52
N HIS A 129 21.21 -14.33 31.72
CA HIS A 129 20.27 -13.29 31.33
C HIS A 129 20.17 -13.01 29.84
N THR A 130 21.16 -13.43 29.07
CA THR A 130 21.16 -13.16 27.63
C THR A 130 19.89 -13.56 26.89
N ILE A 131 19.38 -12.64 26.09
CA ILE A 131 18.18 -12.84 25.30
C ILE A 131 18.54 -13.24 23.86
N PHE A 132 17.79 -14.17 23.28
CA PHE A 132 18.03 -14.59 21.90
C PHE A 132 16.89 -14.10 21.01
N ALA A 133 17.25 -13.55 19.85
CA ALA A 133 16.25 -13.06 18.92
C ALA A 133 16.65 -13.32 17.47
N SER A 134 15.67 -13.73 16.68
CA SER A 134 15.89 -14.02 15.26
C SER A 134 15.19 -12.97 14.40
N ASN A 135 15.86 -12.53 13.35
CA ASN A 135 15.32 -11.53 12.41
C ASN A 135 14.67 -12.22 11.21
N THR A 136 14.38 -13.52 11.36
CA THR A 136 13.79 -14.28 10.25
C THR A 136 12.46 -13.75 9.75
N SER A 137 12.21 -13.89 8.45
CA SER A 137 10.97 -13.43 7.86
C SER A 137 9.96 -14.55 7.61
N SER A 138 10.43 -15.78 7.45
CA SER A 138 9.50 -16.86 7.15
C SER A 138 9.44 -18.06 8.11
N LEU A 139 10.43 -18.20 8.98
CA LEU A 139 10.42 -19.32 9.90
C LEU A 139 9.65 -19.01 11.19
N GLN A 140 9.19 -20.05 11.87
CA GLN A 140 8.46 -19.86 13.12
C GLN A 140 9.45 -19.59 14.23
N ILE A 141 9.24 -18.50 14.96
CA ILE A 141 10.15 -18.19 16.07
C ILE A 141 10.12 -19.36 17.05
N THR A 142 8.95 -19.95 17.25
CA THR A 142 8.83 -21.08 18.17
C THR A 142 9.71 -22.24 17.75
N SER A 143 9.72 -22.55 16.46
CA SER A 143 10.55 -23.64 15.98
C SER A 143 12.01 -23.41 16.40
N ILE A 144 12.50 -22.19 16.21
CA ILE A 144 13.89 -21.87 16.55
C ILE A 144 14.12 -21.84 18.06
N ALA A 145 13.16 -21.28 18.79
CA ALA A 145 13.30 -21.20 20.25
C ALA A 145 13.46 -22.60 20.87
N ASN A 146 12.67 -23.56 20.39
CA ASN A 146 12.75 -24.92 20.93
C ASN A 146 14.04 -25.65 20.61
N ALA A 147 14.99 -24.94 20.02
CA ALA A 147 16.28 -25.54 19.72
C ALA A 147 17.10 -25.29 20.97
N THR A 148 16.55 -24.47 21.87
CA THR A 148 17.21 -24.13 23.12
C THR A 148 16.34 -24.49 24.33
N THR A 149 16.84 -24.18 25.52
CA THR A 149 16.13 -24.43 26.76
C THR A 149 16.03 -23.07 27.43
N ARG A 150 15.92 -22.06 26.57
CA ARG A 150 15.88 -20.65 26.95
C ARG A 150 14.68 -19.95 26.29
N GLN A 151 13.62 -20.70 26.01
CA GLN A 151 12.45 -20.14 25.34
C GLN A 151 11.85 -18.89 25.96
N ASP A 152 11.98 -18.74 27.28
CA ASP A 152 11.44 -17.56 27.94
C ASP A 152 12.23 -16.33 27.52
N ARG A 153 13.48 -16.55 27.11
CA ARG A 153 14.38 -15.50 26.65
C ARG A 153 14.59 -15.54 25.15
N PHE A 154 13.63 -16.10 24.43
CA PHE A 154 13.77 -16.17 22.98
C PHE A 154 12.58 -15.48 22.33
N ALA A 155 12.83 -14.77 21.23
CA ALA A 155 11.77 -14.05 20.53
C ALA A 155 12.21 -13.64 19.14
N GLY A 156 11.30 -13.00 18.43
CA GLY A 156 11.59 -12.50 17.10
C GLY A 156 11.79 -11.00 17.17
N LEU A 157 12.78 -10.49 16.45
CA LEU A 157 13.06 -9.06 16.39
C LEU A 157 13.25 -8.85 14.90
N HIS A 158 12.17 -8.44 14.23
CA HIS A 158 12.14 -8.31 12.77
C HIS A 158 12.33 -6.89 12.24
N PHE A 159 13.41 -6.67 11.49
CA PHE A 159 13.69 -5.34 10.93
C PHE A 159 13.30 -5.22 9.46
N PHE A 160 13.54 -4.04 8.91
CA PHE A 160 13.22 -3.79 7.50
C PHE A 160 14.36 -3.06 6.81
N ASN A 161 14.63 -3.49 5.60
CA ASN A 161 15.70 -2.93 4.79
C ASN A 161 15.28 -1.65 4.06
N PRO A 162 16.15 -0.63 4.04
CA PRO A 162 17.46 -0.57 4.69
C PRO A 162 17.29 -0.30 6.18
N VAL A 163 17.84 -1.19 7.01
CA VAL A 163 17.72 -1.09 8.46
C VAL A 163 18.02 0.29 9.05
N PRO A 164 19.13 0.91 8.65
CA PRO A 164 19.47 2.24 9.19
C PRO A 164 18.39 3.29 8.91
N VAL A 165 17.51 3.02 7.94
CA VAL A 165 16.45 3.97 7.60
C VAL A 165 15.05 3.63 8.09
N MET A 166 14.64 2.38 7.89
CA MET A 166 13.31 1.96 8.30
C MET A 166 13.14 2.00 9.81
N LYS A 167 12.15 2.77 10.26
CA LYS A 167 11.92 2.95 11.69
C LYS A 167 11.18 1.83 12.40
N LEU A 168 10.51 0.98 11.63
CA LEU A 168 9.75 -0.10 12.24
C LEU A 168 10.57 -1.33 12.62
N VAL A 169 10.08 -2.02 13.64
CA VAL A 169 10.69 -3.27 14.07
C VAL A 169 9.54 -4.04 14.70
N GLU A 170 9.37 -5.29 14.30
CA GLU A 170 8.32 -6.11 14.84
C GLU A 170 8.91 -6.99 15.94
N VAL A 171 8.37 -6.89 17.15
CA VAL A 171 8.82 -7.71 18.26
C VAL A 171 7.85 -8.87 18.27
N ILE A 172 8.35 -10.07 18.02
CA ILE A 172 7.51 -11.27 17.94
C ILE A 172 7.62 -12.11 19.20
N LYS A 173 6.49 -12.28 19.87
CA LYS A 173 6.46 -13.04 21.12
C LYS A 173 5.86 -14.43 20.89
N THR A 174 6.57 -15.47 21.31
CA THR A 174 6.06 -16.83 21.16
C THR A 174 5.28 -17.09 22.45
N PRO A 175 4.47 -18.16 22.48
CA PRO A 175 3.72 -18.44 23.69
C PRO A 175 4.61 -18.57 24.92
N MET A 176 5.89 -18.84 24.68
CA MET A 176 6.87 -19.03 25.76
C MET A 176 7.64 -17.78 26.18
N THR A 177 7.77 -16.82 25.27
CA THR A 177 8.50 -15.59 25.56
C THR A 177 7.95 -14.97 26.83
N SER A 178 8.84 -14.55 27.74
CA SER A 178 8.41 -13.95 29.00
C SER A 178 8.17 -12.47 28.85
N GLN A 179 7.28 -11.94 29.69
CA GLN A 179 6.94 -10.54 29.68
C GLN A 179 8.19 -9.68 29.81
N LYS A 180 9.14 -10.14 30.63
CA LYS A 180 10.38 -9.41 30.85
C LYS A 180 11.23 -9.38 29.57
N THR A 181 11.27 -10.52 28.88
CA THR A 181 12.03 -10.61 27.64
C THR A 181 11.40 -9.65 26.61
N PHE A 182 10.07 -9.67 26.53
CA PHE A 182 9.34 -8.81 25.61
C PHE A 182 9.63 -7.34 25.88
N GLU A 183 9.40 -6.90 27.11
CA GLU A 183 9.63 -5.51 27.49
C GLU A 183 11.05 -5.03 27.23
N SER A 184 12.02 -5.91 27.51
CA SER A 184 13.41 -5.55 27.32
C SER A 184 13.72 -5.31 25.83
N LEU A 185 13.04 -6.05 24.96
CA LEU A 185 13.23 -5.90 23.51
C LEU A 185 12.51 -4.66 23.01
N VAL A 186 11.42 -4.31 23.69
CA VAL A 186 10.66 -3.13 23.35
C VAL A 186 11.56 -1.95 23.69
N ASP A 187 12.13 -1.95 24.89
CA ASP A 187 13.01 -0.87 25.30
C ASP A 187 14.23 -0.79 24.39
N PHE A 188 14.75 -1.94 23.98
CA PHE A 188 15.90 -1.98 23.09
C PHE A 188 15.55 -1.32 21.75
N SER A 189 14.36 -1.63 21.24
CA SER A 189 13.91 -1.07 19.97
C SER A 189 13.89 0.46 20.01
N LYS A 190 13.37 1.01 21.10
CA LYS A 190 13.30 2.46 21.23
C LYS A 190 14.70 3.05 21.36
N ALA A 191 15.56 2.34 22.07
CA ALA A 191 16.93 2.78 22.26
C ALA A 191 17.64 2.85 20.90
N LEU A 192 17.17 2.06 19.96
CA LEU A 192 17.75 2.05 18.61
C LEU A 192 17.13 3.18 17.79
N GLY A 193 16.10 3.80 18.35
CA GLY A 193 15.44 4.88 17.64
C GLY A 193 14.35 4.32 16.75
N LYS A 194 13.92 3.08 17.01
CA LYS A 194 12.88 2.46 16.19
C LYS A 194 11.52 2.51 16.89
N HIS A 195 10.48 2.15 16.17
CA HIS A 195 9.15 2.14 16.73
C HIS A 195 8.68 0.69 16.70
N PRO A 196 8.73 0.02 17.85
CA PRO A 196 8.33 -1.39 17.94
C PRO A 196 6.83 -1.63 17.94
N VAL A 197 6.41 -2.70 17.27
CA VAL A 197 5.03 -3.11 17.23
C VAL A 197 5.03 -4.57 17.66
N SER A 198 3.93 -5.03 18.21
CA SER A 198 3.82 -6.39 18.71
C SER A 198 2.99 -7.28 17.81
N CYS A 199 3.40 -8.53 17.69
CA CYS A 199 2.66 -9.49 16.87
C CYS A 199 2.95 -10.90 17.38
N LYS A 200 1.99 -11.80 17.24
CA LYS A 200 2.19 -13.19 17.68
C LYS A 200 3.10 -13.85 16.66
N ASP A 201 3.53 -15.07 16.96
CA ASP A 201 4.41 -15.81 16.05
C ASP A 201 3.59 -16.50 14.97
N THR A 202 3.05 -15.70 14.07
CA THR A 202 2.24 -16.19 12.96
C THR A 202 2.97 -15.87 11.66
N PRO A 203 2.69 -16.61 10.58
CA PRO A 203 3.35 -16.40 9.30
C PRO A 203 3.23 -14.98 8.72
N GLY A 204 4.38 -14.36 8.51
CA GLY A 204 4.43 -13.01 7.95
C GLY A 204 4.25 -11.91 8.97
N PHE A 205 3.99 -12.30 10.22
CA PHE A 205 3.76 -11.34 11.30
C PHE A 205 2.73 -10.32 10.79
N ILE A 206 3.05 -9.03 10.85
CA ILE A 206 2.09 -8.04 10.36
C ILE A 206 2.38 -7.59 8.92
N VAL A 207 3.51 -6.93 8.72
CA VAL A 207 3.85 -6.36 7.42
C VAL A 207 3.85 -7.30 6.21
N ASN A 208 4.67 -8.34 6.23
CA ASN A 208 4.71 -9.26 5.10
C ASN A 208 3.40 -9.99 4.88
N ARG A 209 2.71 -10.29 5.97
CA ARG A 209 1.42 -10.98 5.88
C ARG A 209 0.37 -10.17 5.11
N LEU A 210 0.50 -8.84 5.16
CA LEU A 210 -0.45 -7.99 4.47
C LEU A 210 0.14 -7.47 3.16
N LEU A 211 1.45 -7.30 3.14
CA LEU A 211 2.11 -6.80 1.95
C LEU A 211 2.29 -7.84 0.84
N VAL A 212 2.97 -8.94 1.14
CA VAL A 212 3.24 -9.97 0.14
C VAL A 212 2.05 -10.51 -0.65
N PRO A 213 0.95 -10.89 0.03
CA PRO A 213 -0.23 -11.40 -0.67
C PRO A 213 -0.73 -10.38 -1.68
N TYR A 214 -0.61 -9.10 -1.31
CA TYR A 214 -1.02 -7.98 -2.15
C TYR A 214 -0.13 -7.93 -3.40
N LEU A 215 1.18 -8.10 -3.21
CA LEU A 215 2.10 -8.08 -4.35
C LEU A 215 1.75 -9.24 -5.27
N MET A 216 1.40 -10.38 -4.70
CA MET A 216 1.02 -11.55 -5.50
C MET A 216 -0.25 -11.26 -6.30
N GLU A 217 -1.21 -10.57 -5.68
CA GLU A 217 -2.45 -10.24 -6.38
C GLU A 217 -2.12 -9.33 -7.55
N ALA A 218 -1.14 -8.45 -7.34
CA ALA A 218 -0.72 -7.54 -8.39
C ALA A 218 -0.26 -8.36 -9.58
N ILE A 219 0.67 -9.28 -9.34
CA ILE A 219 1.18 -10.12 -10.41
C ILE A 219 0.06 -10.85 -11.11
N ARG A 220 -0.87 -11.41 -10.33
CA ARG A 220 -1.97 -12.16 -10.94
C ARG A 220 -2.86 -11.31 -11.81
N LEU A 221 -3.08 -10.05 -11.42
CA LEU A 221 -3.93 -9.15 -12.21
C LEU A 221 -3.25 -8.90 -13.55
N TYR A 222 -1.93 -8.75 -13.51
CA TYR A 222 -1.12 -8.52 -14.70
C TYR A 222 -1.07 -9.77 -15.59
N GLU A 223 -0.70 -10.91 -15.01
CA GLU A 223 -0.61 -12.17 -15.75
C GLU A 223 -1.93 -12.50 -16.43
N ARG A 224 -3.01 -12.10 -15.80
CA ARG A 224 -4.35 -12.32 -16.29
C ARG A 224 -4.57 -11.40 -17.49
N GLY A 225 -3.73 -10.37 -17.57
CA GLY A 225 -3.83 -9.42 -18.68
C GLY A 225 -4.88 -8.34 -18.49
N ASP A 226 -5.30 -8.09 -17.25
CA ASP A 226 -6.31 -7.07 -17.02
C ASP A 226 -5.75 -5.65 -17.13
N ALA A 227 -4.43 -5.51 -16.96
CA ALA A 227 -3.76 -4.22 -17.04
C ALA A 227 -2.27 -4.44 -17.16
N SER A 228 -1.54 -3.40 -17.55
CA SER A 228 -0.09 -3.51 -17.69
C SER A 228 0.57 -3.29 -16.33
N LYS A 229 1.82 -3.71 -16.21
CA LYS A 229 2.57 -3.53 -14.97
C LYS A 229 2.75 -2.04 -14.73
N GLU A 230 3.06 -1.31 -15.80
CA GLU A 230 3.28 0.12 -15.73
C GLU A 230 2.03 0.85 -15.21
N ASP A 231 0.86 0.49 -15.75
CA ASP A 231 -0.40 1.11 -15.31
C ASP A 231 -0.75 0.72 -13.89
N ILE A 232 -0.43 -0.51 -13.51
CA ILE A 232 -0.72 -0.95 -12.16
C ILE A 232 0.14 -0.14 -11.19
N ASP A 233 1.42 0.06 -11.52
CA ASP A 233 2.29 0.85 -10.64
C ASP A 233 1.79 2.28 -10.51
N THR A 234 1.45 2.88 -11.64
CA THR A 234 0.94 4.24 -11.65
C THR A 234 -0.33 4.32 -10.79
N ALA A 235 -1.24 3.38 -11.02
CA ALA A 235 -2.50 3.35 -10.29
C ALA A 235 -2.33 3.26 -8.78
N MET A 236 -1.45 2.39 -8.30
CA MET A 236 -1.25 2.25 -6.86
C MET A 236 -0.50 3.44 -6.26
N LYS A 237 0.36 4.08 -7.04
CA LYS A 237 1.08 5.23 -6.54
C LYS A 237 0.17 6.45 -6.45
N LEU A 238 -0.54 6.74 -7.54
CA LEU A 238 -1.44 7.88 -7.59
C LEU A 238 -2.78 7.60 -6.92
N GLY A 239 -3.26 6.38 -7.01
CA GLY A 239 -4.54 6.05 -6.41
C GLY A 239 -4.49 5.70 -4.93
N ALA A 240 -3.44 5.01 -4.50
CA ALA A 240 -3.35 4.62 -3.11
C ALA A 240 -2.28 5.41 -2.39
N GLY A 241 -1.50 6.18 -3.15
CA GLY A 241 -0.46 6.97 -2.52
C GLY A 241 0.76 6.19 -2.06
N TYR A 242 0.96 5.00 -2.61
CA TYR A 242 2.11 4.19 -2.24
C TYR A 242 3.38 4.78 -2.83
N PRO A 243 4.52 4.64 -2.13
CA PRO A 243 5.80 5.17 -2.62
C PRO A 243 6.23 4.48 -3.91
N MET A 244 5.93 3.20 -4.01
CA MET A 244 6.29 2.40 -5.18
C MET A 244 5.16 1.55 -5.70
N GLY A 245 5.06 1.42 -7.01
CA GLY A 245 4.04 0.57 -7.59
C GLY A 245 4.44 -0.83 -7.12
N PRO A 246 3.54 -1.81 -7.16
CA PRO A 246 3.85 -3.18 -6.72
C PRO A 246 5.01 -3.86 -7.48
N PHE A 247 5.09 -3.66 -8.78
CA PHE A 247 6.16 -4.26 -9.56
C PHE A 247 7.52 -3.61 -9.28
N GLU A 248 7.53 -2.32 -8.97
CA GLU A 248 8.79 -1.64 -8.64
C GLU A 248 9.21 -2.15 -7.26
N LEU A 249 8.23 -2.36 -6.39
CA LEU A 249 8.52 -2.82 -5.04
C LEU A 249 9.02 -4.26 -5.10
N LEU A 250 8.37 -5.09 -5.90
CA LEU A 250 8.79 -6.49 -6.06
C LEU A 250 10.27 -6.54 -6.46
N ASP A 251 10.65 -5.80 -7.49
CA ASP A 251 12.04 -5.78 -7.93
C ASP A 251 12.96 -5.22 -6.84
N TYR A 252 12.46 -4.26 -6.08
CA TYR A 252 13.23 -3.64 -5.00
C TYR A 252 13.48 -4.57 -3.80
N VAL A 253 12.51 -5.40 -3.45
CA VAL A 253 12.70 -6.32 -2.31
C VAL A 253 13.32 -7.66 -2.72
N GLY A 254 13.25 -7.99 -4.00
CA GLY A 254 13.81 -9.24 -4.49
C GLY A 254 12.74 -10.22 -4.90
N LEU A 255 12.77 -10.68 -6.15
CA LEU A 255 11.76 -11.62 -6.60
C LEU A 255 11.96 -13.00 -5.96
N ASP A 256 13.21 -13.36 -5.74
CA ASP A 256 13.54 -14.64 -5.12
C ASP A 256 13.10 -14.58 -3.65
N THR A 257 13.46 -13.49 -2.99
CA THR A 257 13.11 -13.28 -1.60
C THR A 257 11.59 -13.45 -1.44
N THR A 258 10.84 -12.88 -2.38
CA THR A 258 9.38 -12.94 -2.37
C THR A 258 8.86 -14.35 -2.67
N LYS A 259 9.36 -14.96 -3.74
CA LYS A 259 8.93 -16.30 -4.13
C LYS A 259 9.16 -17.28 -2.99
N PHE A 260 10.30 -17.15 -2.32
CA PHE A 260 10.67 -18.02 -1.22
C PHE A 260 9.61 -17.98 -0.12
N ILE A 261 9.26 -16.78 0.33
CA ILE A 261 8.26 -16.59 1.38
C ILE A 261 6.90 -17.19 0.99
N VAL A 262 6.53 -17.02 -0.27
CA VAL A 262 5.24 -17.54 -0.74
C VAL A 262 5.23 -19.06 -0.89
N ASP A 263 6.33 -19.65 -1.34
CA ASP A 263 6.38 -21.10 -1.49
C ASP A 263 6.13 -21.71 -0.13
N GLY A 264 6.73 -21.10 0.89
CA GLY A 264 6.57 -21.56 2.25
C GLY A 264 5.10 -21.59 2.64
N TRP A 265 4.38 -20.49 2.39
CA TRP A 265 2.98 -20.45 2.76
C TRP A 265 2.18 -21.42 1.91
N HIS A 266 2.52 -21.52 0.64
CA HIS A 266 1.82 -22.43 -0.26
C HIS A 266 2.02 -23.86 0.25
N GLU A 267 3.27 -24.16 0.62
CA GLU A 267 3.65 -25.46 1.13
C GLU A 267 2.80 -25.81 2.35
N MET A 268 2.71 -24.89 3.29
CA MET A 268 1.93 -25.11 4.51
C MET A 268 0.42 -25.17 4.31
N ASP A 269 -0.07 -24.67 3.18
CA ASP A 269 -1.50 -24.68 2.92
C ASP A 269 -1.75 -24.58 1.42
N ALA A 270 -1.38 -25.65 0.73
CA ALA A 270 -1.48 -25.75 -0.73
C ALA A 270 -2.83 -25.48 -1.37
N GLU A 271 -3.90 -25.63 -0.60
CA GLU A 271 -5.24 -25.40 -1.14
C GLU A 271 -5.62 -23.93 -1.14
N ASN A 272 -4.93 -23.14 -0.31
CA ASN A 272 -5.22 -21.71 -0.23
C ASN A 272 -4.85 -20.98 -1.52
N PRO A 273 -5.83 -20.33 -2.16
CA PRO A 273 -5.64 -19.59 -3.40
C PRO A 273 -4.64 -18.43 -3.32
N LEU A 274 -4.58 -17.78 -2.16
CA LEU A 274 -3.67 -16.66 -1.98
C LEU A 274 -2.21 -16.99 -2.18
N HIS A 275 -1.87 -18.27 -2.05
CA HIS A 275 -0.48 -18.66 -2.18
C HIS A 275 -0.16 -19.46 -3.44
N GLN A 276 -1.11 -19.56 -4.36
CA GLN A 276 -0.84 -20.28 -5.58
C GLN A 276 0.35 -19.60 -6.25
N PRO A 277 1.32 -20.38 -6.71
CA PRO A 277 2.51 -19.84 -7.37
C PRO A 277 2.20 -19.02 -8.61
N SER A 278 3.13 -18.16 -8.98
CA SER A 278 2.98 -17.32 -10.15
C SER A 278 3.94 -17.72 -11.25
N PRO A 279 3.41 -18.06 -12.43
CA PRO A 279 4.24 -18.45 -13.57
C PRO A 279 5.30 -17.39 -13.89
N SER A 280 4.86 -16.15 -14.04
CA SER A 280 5.76 -15.04 -14.33
C SER A 280 6.81 -14.91 -13.27
N LEU A 281 6.38 -15.00 -12.01
CA LEU A 281 7.32 -14.88 -10.91
C LEU A 281 8.34 -16.02 -10.94
N ASN A 282 7.89 -17.26 -11.07
CA ASN A 282 8.82 -18.39 -11.10
C ASN A 282 9.80 -18.27 -12.27
N LYS A 283 9.26 -17.94 -13.45
CA LYS A 283 10.08 -17.82 -14.65
C LYS A 283 11.20 -16.81 -14.47
N LEU A 284 10.88 -15.62 -13.99
CA LEU A 284 11.90 -14.61 -13.79
C LEU A 284 12.95 -15.12 -12.81
N VAL A 285 12.47 -15.77 -11.76
CA VAL A 285 13.38 -16.31 -10.75
C VAL A 285 14.21 -17.42 -11.37
N ALA A 286 13.56 -18.24 -12.19
CA ALA A 286 14.24 -19.34 -12.85
C ALA A 286 15.32 -18.78 -13.79
N GLU A 287 15.03 -17.65 -14.42
CA GLU A 287 15.99 -17.01 -15.32
C GLU A 287 16.99 -16.21 -14.52
N ASN A 288 16.92 -16.36 -13.20
CA ASN A 288 17.83 -15.67 -12.30
C ASN A 288 17.71 -14.14 -12.41
N LYS A 289 16.50 -13.67 -12.69
CA LYS A 289 16.23 -12.24 -12.78
C LYS A 289 15.54 -11.88 -11.45
N PHE A 290 16.33 -11.47 -10.46
CA PHE A 290 15.79 -11.16 -9.14
C PHE A 290 15.46 -9.70 -8.80
N GLY A 291 15.47 -8.82 -9.79
CA GLY A 291 15.16 -7.42 -9.54
C GLY A 291 16.38 -6.52 -9.53
N LYS A 292 16.30 -5.37 -8.87
CA LYS A 292 17.43 -4.45 -8.81
C LYS A 292 18.73 -5.15 -8.41
N LYS A 293 18.61 -6.26 -7.68
CA LYS A 293 19.77 -7.04 -7.24
C LYS A 293 20.64 -7.43 -8.43
N THR A 294 20.00 -8.07 -9.40
CA THR A 294 20.67 -8.58 -10.57
C THR A 294 20.53 -7.66 -11.79
N GLY A 295 20.07 -6.43 -11.55
CA GLY A 295 19.91 -5.50 -12.65
C GLY A 295 18.67 -5.77 -13.47
N GLU A 296 17.87 -6.75 -13.05
CA GLU A 296 16.63 -7.04 -13.77
C GLU A 296 15.65 -7.91 -12.99
N GLY A 297 14.39 -7.50 -13.04
CA GLY A 297 13.30 -8.22 -12.39
C GLY A 297 12.18 -8.08 -13.40
N PHE A 298 11.04 -7.53 -12.98
CA PHE A 298 9.95 -7.32 -13.93
C PHE A 298 10.36 -6.19 -14.88
N TYR A 299 11.27 -5.34 -14.41
CA TYR A 299 11.79 -4.23 -15.19
C TYR A 299 13.29 -4.39 -15.29
N LYS A 300 13.89 -3.78 -16.31
CA LYS A 300 15.34 -3.85 -16.48
C LYS A 300 15.92 -2.59 -15.85
N TYR A 301 17.05 -2.73 -15.16
CA TYR A 301 17.69 -1.60 -14.50
C TYR A 301 19.10 -1.37 -15.03
N LYS A 302 19.55 -0.11 -14.94
CA LYS A 302 20.89 0.24 -15.39
C LYS A 302 21.94 -0.39 -14.50
N LEU A 303 22.62 -1.41 -15.02
CA LEU A 303 23.67 -2.08 -14.25
C LEU A 303 24.61 -1.00 -13.71
N GLU A 304 24.55 -0.78 -12.39
CA GLU A 304 25.38 0.22 -11.74
C GLU A 304 26.85 0.13 -12.15
N LYS B 12 -11.76 10.13 -34.35
CA LYS B 12 -12.21 10.21 -32.93
C LYS B 12 -12.91 11.53 -32.66
N ILE B 13 -13.52 11.61 -31.49
CA ILE B 13 -14.23 12.81 -31.08
C ILE B 13 -13.40 13.53 -30.00
N ILE B 14 -13.52 14.85 -29.96
CA ILE B 14 -12.82 15.64 -28.95
C ILE B 14 -13.90 16.10 -27.99
N VAL B 15 -13.85 15.61 -26.75
CA VAL B 15 -14.85 16.00 -25.76
C VAL B 15 -14.75 17.47 -25.37
N LYS B 16 -15.84 18.20 -25.51
CA LYS B 16 -15.86 19.61 -25.15
C LYS B 16 -17.07 19.96 -24.29
N HIS B 17 -18.20 19.35 -24.61
CA HIS B 17 -19.42 19.58 -23.85
C HIS B 17 -19.69 18.32 -23.03
N VAL B 18 -19.64 18.46 -21.71
CA VAL B 18 -19.84 17.31 -20.84
C VAL B 18 -21.06 17.38 -19.95
N THR B 19 -21.78 16.26 -19.89
CA THR B 19 -22.97 16.14 -19.08
C THR B 19 -22.63 15.24 -17.91
N VAL B 20 -22.66 15.78 -16.70
CA VAL B 20 -22.36 15.00 -15.51
C VAL B 20 -23.65 14.75 -14.75
N ILE B 21 -24.06 13.49 -14.69
CA ILE B 21 -25.30 13.15 -14.01
C ILE B 21 -25.00 12.68 -12.60
N GLY B 22 -25.48 13.46 -11.63
CA GLY B 22 -25.26 13.16 -10.23
C GLY B 22 -24.35 14.25 -9.69
N GLY B 23 -24.87 15.05 -8.77
CA GLY B 23 -24.07 16.13 -8.20
C GLY B 23 -23.55 15.84 -6.80
N GLY B 24 -23.34 14.57 -6.50
CA GLY B 24 -22.82 14.21 -5.19
C GLY B 24 -21.35 14.51 -5.01
N LEU B 25 -20.74 13.84 -4.05
CA LEU B 25 -19.32 14.01 -3.73
C LEU B 25 -18.46 13.87 -4.98
N MET B 26 -18.67 12.81 -5.73
CA MET B 26 -17.90 12.56 -6.94
C MET B 26 -18.37 13.42 -8.11
N GLY B 27 -19.69 13.40 -8.34
CA GLY B 27 -20.25 14.16 -9.45
C GLY B 27 -19.80 15.61 -9.46
N ALA B 28 -19.97 16.28 -8.31
CA ALA B 28 -19.58 17.68 -8.17
C ALA B 28 -18.10 17.87 -8.47
N GLY B 29 -17.28 16.93 -8.00
CA GLY B 29 -15.86 17.03 -8.26
C GLY B 29 -15.55 16.91 -9.74
N ILE B 30 -16.24 16.00 -10.42
CA ILE B 30 -16.02 15.81 -11.84
C ILE B 30 -16.41 17.06 -12.62
N ALA B 31 -17.59 17.61 -12.31
CA ALA B 31 -18.09 18.81 -12.96
C ALA B 31 -17.13 19.99 -12.74
N GLN B 32 -16.58 20.09 -11.54
CA GLN B 32 -15.66 21.17 -11.21
C GLN B 32 -14.40 21.13 -12.06
N VAL B 33 -13.71 19.99 -12.06
CA VAL B 33 -12.47 19.84 -12.83
C VAL B 33 -12.69 20.05 -14.33
N ALA B 34 -13.79 19.51 -14.85
CA ALA B 34 -14.09 19.67 -16.28
C ALA B 34 -14.24 21.15 -16.61
N ALA B 35 -14.99 21.87 -15.79
CA ALA B 35 -15.20 23.31 -16.01
C ALA B 35 -13.92 24.11 -15.82
N ALA B 36 -13.09 23.69 -14.87
CA ALA B 36 -11.84 24.38 -14.58
C ALA B 36 -10.85 24.17 -15.72
N THR B 37 -11.01 23.08 -16.45
CA THR B 37 -10.11 22.77 -17.55
C THR B 37 -10.67 23.19 -18.90
N GLY B 38 -11.64 24.10 -18.86
CA GLY B 38 -12.22 24.62 -20.09
C GLY B 38 -13.23 23.81 -20.87
N HIS B 39 -14.00 22.96 -20.19
CA HIS B 39 -15.02 22.18 -20.86
C HIS B 39 -16.38 22.81 -20.51
N THR B 40 -17.35 22.69 -21.41
CA THR B 40 -18.68 23.22 -21.13
C THR B 40 -19.38 22.12 -20.36
N VAL B 41 -19.97 22.46 -19.22
CA VAL B 41 -20.58 21.43 -18.39
C VAL B 41 -22.03 21.62 -17.96
N VAL B 42 -22.77 20.51 -17.96
CA VAL B 42 -24.16 20.53 -17.50
C VAL B 42 -24.28 19.48 -16.40
N LEU B 43 -24.49 19.94 -15.16
CA LEU B 43 -24.61 19.05 -14.02
C LEU B 43 -26.08 18.71 -13.82
N VAL B 44 -26.38 17.42 -13.80
CA VAL B 44 -27.76 16.98 -13.65
C VAL B 44 -28.01 16.23 -12.35
N ASP B 45 -29.11 16.53 -11.68
CA ASP B 45 -29.46 15.82 -10.46
C ASP B 45 -30.98 15.76 -10.37
N GLN B 46 -31.50 15.34 -9.22
CA GLN B 46 -32.94 15.18 -9.07
C GLN B 46 -33.77 16.39 -8.70
N THR B 47 -33.26 17.25 -7.84
CA THR B 47 -34.03 18.43 -7.46
C THR B 47 -33.19 19.69 -7.60
N GLU B 48 -33.87 20.83 -7.72
CA GLU B 48 -33.17 22.09 -7.84
C GLU B 48 -32.35 22.35 -6.59
N ASP B 49 -32.87 21.96 -5.43
CA ASP B 49 -32.16 22.15 -4.16
C ASP B 49 -30.86 21.37 -4.14
N ILE B 50 -30.92 20.11 -4.54
CA ILE B 50 -29.72 19.30 -4.57
C ILE B 50 -28.70 20.01 -5.46
N LEU B 51 -29.14 20.41 -6.64
CA LEU B 51 -28.25 21.10 -7.57
C LEU B 51 -27.70 22.39 -6.96
N ALA B 52 -28.57 23.16 -6.31
CA ALA B 52 -28.16 24.41 -5.70
C ALA B 52 -27.04 24.15 -4.70
N LYS B 53 -27.18 23.08 -3.94
CA LYS B 53 -26.18 22.73 -2.95
C LYS B 53 -24.91 22.22 -3.62
N SER B 54 -25.06 21.42 -4.66
CA SER B 54 -23.90 20.88 -5.37
C SER B 54 -23.05 22.00 -5.94
N LYS B 55 -23.70 22.96 -6.58
CA LYS B 55 -22.99 24.07 -7.20
C LYS B 55 -22.43 25.03 -6.15
N LYS B 56 -23.08 25.11 -4.99
CA LYS B 56 -22.59 25.97 -3.91
C LYS B 56 -21.30 25.34 -3.40
N GLY B 57 -21.30 24.01 -3.30
CA GLY B 57 -20.12 23.30 -2.84
C GLY B 57 -18.94 23.51 -3.78
N ILE B 58 -19.21 23.43 -5.08
CA ILE B 58 -18.17 23.61 -6.10
C ILE B 58 -17.54 24.98 -5.94
N GLU B 59 -18.39 26.00 -5.85
CA GLU B 59 -17.91 27.37 -5.68
C GLU B 59 -17.03 27.51 -4.44
N GLU B 60 -17.50 27.00 -3.31
CA GLU B 60 -16.73 27.10 -2.08
C GLU B 60 -15.35 26.48 -2.27
N SER B 61 -15.30 25.32 -2.92
CA SER B 61 -14.05 24.63 -3.18
C SER B 61 -13.13 25.46 -4.09
N LEU B 62 -13.71 26.04 -5.14
CA LEU B 62 -12.94 26.86 -6.08
C LEU B 62 -12.36 28.09 -5.37
N ARG B 63 -13.14 28.68 -4.48
CA ARG B 63 -12.71 29.86 -3.74
C ARG B 63 -11.62 29.55 -2.73
N LYS B 64 -11.73 28.42 -2.05
CA LYS B 64 -10.71 28.06 -1.06
C LYS B 64 -9.36 27.99 -1.75
N VAL B 65 -9.37 27.51 -2.98
CA VAL B 65 -8.14 27.40 -3.75
C VAL B 65 -7.66 28.77 -4.21
N ALA B 66 -8.53 29.50 -4.89
CA ALA B 66 -8.22 30.83 -5.40
C ALA B 66 -7.59 31.76 -4.36
N LYS B 67 -8.13 31.76 -3.14
CA LYS B 67 -7.62 32.60 -2.05
C LYS B 67 -6.15 32.38 -1.79
N LYS B 68 -5.66 31.19 -2.13
CA LYS B 68 -4.26 30.85 -1.93
C LYS B 68 -3.43 31.17 -3.17
N LYS B 69 -3.98 30.84 -4.34
CA LYS B 69 -3.28 31.06 -5.60
C LYS B 69 -3.30 32.48 -6.14
N PHE B 70 -4.37 33.23 -5.88
CA PHE B 70 -4.46 34.60 -6.35
C PHE B 70 -4.39 35.61 -5.21
N ALA B 71 -3.65 35.26 -4.16
CA ALA B 71 -3.51 36.14 -3.00
C ALA B 71 -2.99 37.51 -3.41
N GLU B 72 -2.03 37.52 -4.33
CA GLU B 72 -1.44 38.77 -4.81
C GLU B 72 -2.34 39.56 -5.74
N ASN B 73 -3.34 38.90 -6.31
CA ASN B 73 -4.27 39.54 -7.23
C ASN B 73 -5.65 38.92 -7.11
N PRO B 74 -6.37 39.25 -6.02
CA PRO B 74 -7.72 38.77 -5.72
C PRO B 74 -8.77 39.01 -6.79
N LYS B 75 -8.56 40.01 -7.65
CA LYS B 75 -9.49 40.29 -8.73
C LYS B 75 -9.50 39.09 -9.68
N ALA B 76 -8.31 38.70 -10.12
CA ALA B 76 -8.18 37.57 -11.03
C ALA B 76 -8.80 36.35 -10.37
N GLY B 77 -8.46 36.13 -9.11
CA GLY B 77 -9.00 35.01 -8.37
C GLY B 77 -10.51 34.92 -8.49
N ASP B 78 -11.19 36.03 -8.28
CA ASP B 78 -12.64 36.06 -8.38
C ASP B 78 -13.12 35.77 -9.79
N GLU B 79 -12.39 36.29 -10.79
CA GLU B 79 -12.76 36.06 -12.18
C GLU B 79 -12.66 34.58 -12.49
N CYS B 80 -11.49 34.00 -12.21
CA CYS B 80 -11.25 32.60 -12.43
C CYS B 80 -12.41 31.78 -11.86
N VAL B 81 -12.83 32.13 -10.65
CA VAL B 81 -13.93 31.43 -10.00
C VAL B 81 -15.24 31.64 -10.76
N GLU B 82 -15.58 32.89 -11.04
CA GLU B 82 -16.80 33.23 -11.76
C GLU B 82 -16.84 32.51 -13.12
N LYS B 83 -15.80 32.71 -13.91
CA LYS B 83 -15.71 32.08 -15.21
C LYS B 83 -15.97 30.58 -15.12
N THR B 84 -15.38 29.94 -14.13
CA THR B 84 -15.53 28.51 -13.94
C THR B 84 -16.96 28.14 -13.57
N LEU B 85 -17.57 28.84 -12.62
CA LEU B 85 -18.95 28.56 -12.22
C LEU B 85 -19.92 28.79 -13.38
N SER B 86 -19.73 29.88 -14.11
CA SER B 86 -20.59 30.21 -15.24
C SER B 86 -20.54 29.14 -16.32
N THR B 87 -19.47 28.36 -16.33
CA THR B 87 -19.30 27.31 -17.33
C THR B 87 -19.98 26.03 -16.91
N ILE B 88 -20.67 26.07 -15.77
CA ILE B 88 -21.41 24.91 -15.30
C ILE B 88 -22.90 25.25 -15.30
N ALA B 89 -23.68 24.46 -16.02
CA ALA B 89 -25.12 24.69 -16.06
C ALA B 89 -25.75 23.55 -15.26
N THR B 90 -26.99 23.74 -14.83
CA THR B 90 -27.71 22.73 -14.06
C THR B 90 -29.05 22.36 -14.68
N SER B 91 -29.49 21.14 -14.43
CA SER B 91 -30.75 20.65 -14.96
C SER B 91 -31.26 19.46 -14.17
N THR B 92 -32.58 19.26 -14.14
CA THR B 92 -33.16 18.13 -13.45
C THR B 92 -33.68 17.11 -14.46
N ASP B 93 -33.44 17.39 -15.75
CA ASP B 93 -33.89 16.52 -16.82
C ASP B 93 -32.75 16.21 -17.80
N ALA B 94 -32.13 15.04 -17.61
CA ALA B 94 -31.01 14.62 -18.44
C ALA B 94 -31.35 14.52 -19.92
N ALA B 95 -32.55 14.05 -20.21
CA ALA B 95 -33.00 13.89 -21.59
C ALA B 95 -32.91 15.15 -22.43
N SER B 96 -33.22 16.30 -21.84
CA SER B 96 -33.21 17.57 -22.56
C SER B 96 -31.82 18.16 -22.74
N VAL B 97 -30.84 17.55 -22.10
CA VAL B 97 -29.47 18.03 -22.15
C VAL B 97 -28.51 17.25 -23.04
N VAL B 98 -28.74 15.96 -23.20
CA VAL B 98 -27.84 15.12 -23.99
C VAL B 98 -28.02 15.11 -25.51
N HIS B 99 -29.00 15.86 -26.01
N HIS B 99 -29.00 15.85 -26.03
CA HIS B 99 -29.26 15.93 -27.45
CA HIS B 99 -29.24 15.88 -27.47
C HIS B 99 -28.01 16.26 -28.26
C HIS B 99 -28.00 16.25 -28.27
N SER B 100 -27.16 17.10 -27.69
CA SER B 100 -25.94 17.51 -28.38
C SER B 100 -24.70 17.57 -27.49
N THR B 101 -24.62 16.69 -26.51
CA THR B 101 -23.45 16.67 -25.62
C THR B 101 -22.44 15.67 -26.17
N ASP B 102 -21.17 15.83 -25.83
CA ASP B 102 -20.13 14.93 -26.32
C ASP B 102 -19.87 13.77 -25.38
N LEU B 103 -20.14 13.98 -24.11
CA LEU B 103 -19.88 12.94 -23.11
C LEU B 103 -20.80 12.99 -21.91
N VAL B 104 -21.25 11.80 -21.50
CA VAL B 104 -22.09 11.70 -20.32
C VAL B 104 -21.27 10.91 -19.31
N VAL B 105 -21.03 11.50 -18.15
CA VAL B 105 -20.29 10.84 -17.09
C VAL B 105 -21.30 10.71 -15.95
N GLU B 106 -21.70 9.48 -15.67
CA GLU B 106 -22.68 9.19 -14.63
C GLU B 106 -22.05 8.84 -13.30
N ALA B 107 -22.54 9.49 -12.25
CA ALA B 107 -22.04 9.27 -10.92
C ALA B 107 -23.20 9.33 -9.93
N ILE B 108 -24.27 8.60 -10.23
CA ILE B 108 -25.44 8.57 -9.36
C ILE B 108 -25.34 7.43 -8.37
N VAL B 109 -26.44 7.16 -7.67
CA VAL B 109 -26.49 6.10 -6.67
C VAL B 109 -25.94 4.80 -7.22
N GLU B 110 -25.11 4.13 -6.42
CA GLU B 110 -24.48 2.88 -6.81
C GLU B 110 -25.49 1.72 -6.84
N ASN B 111 -26.38 1.74 -7.84
CA ASN B 111 -27.41 0.72 -7.98
C ASN B 111 -27.53 0.38 -9.47
N LEU B 112 -27.44 -0.90 -9.81
CA LEU B 112 -27.51 -1.31 -11.20
C LEU B 112 -28.82 -1.03 -11.91
N LYS B 113 -29.93 -1.34 -11.27
CA LYS B 113 -31.23 -1.09 -11.90
C LYS B 113 -31.36 0.37 -12.27
N VAL B 114 -31.27 1.24 -11.27
CA VAL B 114 -31.38 2.67 -11.48
C VAL B 114 -30.46 3.11 -12.62
N LYS B 115 -29.19 2.71 -12.54
CA LYS B 115 -28.24 3.08 -13.58
C LYS B 115 -28.68 2.68 -15.00
N ASN B 116 -29.03 1.41 -15.20
CA ASN B 116 -29.45 0.96 -16.53
C ASN B 116 -30.65 1.73 -17.08
N GLU B 117 -31.65 1.96 -16.24
CA GLU B 117 -32.82 2.70 -16.67
C GLU B 117 -32.39 4.06 -17.18
N LEU B 118 -31.50 4.69 -16.42
CA LEU B 118 -30.97 6.01 -16.77
C LEU B 118 -30.35 6.00 -18.15
N PHE B 119 -29.44 5.05 -18.39
CA PHE B 119 -28.77 4.95 -19.67
C PHE B 119 -29.65 4.45 -20.81
N LYS B 120 -30.58 3.55 -20.48
CA LYS B 120 -31.49 3.01 -21.48
C LYS B 120 -32.24 4.20 -22.09
N ARG B 121 -32.71 5.09 -21.22
CA ARG B 121 -33.46 6.27 -21.64
C ARG B 121 -32.60 7.28 -22.39
N LEU B 122 -31.42 7.58 -21.86
CA LEU B 122 -30.54 8.55 -22.49
C LEU B 122 -30.06 8.12 -23.86
N ASP B 123 -29.91 6.82 -24.07
CA ASP B 123 -29.44 6.30 -25.34
C ASP B 123 -30.37 6.77 -26.49
N LYS B 124 -31.63 6.99 -26.15
CA LYS B 124 -32.61 7.41 -27.14
C LYS B 124 -32.62 8.92 -27.42
N PHE B 125 -32.07 9.72 -26.51
CA PHE B 125 -32.02 11.17 -26.72
C PHE B 125 -30.63 11.72 -27.05
N ALA B 126 -29.59 10.99 -26.64
CA ALA B 126 -28.21 11.41 -26.89
C ALA B 126 -27.86 11.51 -28.36
N ALA B 127 -26.95 12.43 -28.69
CA ALA B 127 -26.52 12.58 -30.07
C ALA B 127 -25.84 11.28 -30.48
N GLU B 128 -25.50 11.15 -31.76
CA GLU B 128 -24.89 9.94 -32.26
C GLU B 128 -23.45 9.71 -31.79
N HIS B 129 -22.65 10.77 -31.79
CA HIS B 129 -21.25 10.66 -31.39
C HIS B 129 -21.05 10.60 -29.87
N THR B 130 -22.11 10.87 -29.13
CA THR B 130 -22.02 10.88 -27.68
C THR B 130 -21.50 9.60 -27.05
N ILE B 131 -20.57 9.78 -26.11
CA ILE B 131 -19.95 8.70 -25.37
C ILE B 131 -20.57 8.60 -23.98
N PHE B 132 -20.91 7.40 -23.55
CA PHE B 132 -21.49 7.18 -22.22
C PHE B 132 -20.46 6.54 -21.31
N ALA B 133 -20.28 7.09 -20.12
CA ALA B 133 -19.32 6.54 -19.17
C ALA B 133 -19.86 6.54 -17.75
N SER B 134 -19.56 5.47 -17.02
CA SER B 134 -19.98 5.37 -15.64
C SER B 134 -18.77 5.44 -14.72
N ASN B 135 -18.96 6.08 -13.57
CA ASN B 135 -17.93 6.25 -12.56
C ASN B 135 -18.15 5.24 -11.43
N THR B 136 -18.87 4.17 -11.74
CA THR B 136 -19.19 3.13 -10.77
C THR B 136 -17.97 2.33 -10.27
N SER B 137 -17.97 2.00 -8.99
CA SER B 137 -16.90 1.23 -8.38
C SER B 137 -17.19 -0.27 -8.33
N SER B 138 -18.39 -0.64 -7.90
CA SER B 138 -18.76 -2.05 -7.79
C SER B 138 -19.87 -2.50 -8.74
N LEU B 139 -19.69 -2.27 -10.04
CA LEU B 139 -20.68 -2.68 -11.02
C LEU B 139 -19.96 -2.92 -12.35
N GLN B 140 -20.33 -4.00 -13.05
CA GLN B 140 -19.71 -4.32 -14.32
C GLN B 140 -20.11 -3.26 -15.34
N ILE B 141 -19.14 -2.58 -15.92
CA ILE B 141 -19.43 -1.56 -16.92
C ILE B 141 -20.30 -2.19 -18.01
N THR B 142 -20.03 -3.44 -18.32
CA THR B 142 -20.77 -4.16 -19.34
C THR B 142 -22.24 -4.34 -18.94
N SER B 143 -22.48 -4.54 -17.65
CA SER B 143 -23.84 -4.72 -17.14
C SER B 143 -24.66 -3.45 -17.27
N ILE B 144 -24.04 -2.38 -17.73
CA ILE B 144 -24.71 -1.12 -17.90
C ILE B 144 -24.75 -0.77 -19.38
N ALA B 145 -23.67 -1.09 -20.08
CA ALA B 145 -23.59 -0.81 -21.50
C ALA B 145 -24.72 -1.53 -22.24
N ASN B 146 -24.94 -2.79 -21.88
CA ASN B 146 -25.97 -3.60 -22.54
C ASN B 146 -27.38 -3.02 -22.41
N ALA B 147 -27.57 -2.09 -21.49
CA ALA B 147 -28.88 -1.47 -21.34
C ALA B 147 -29.09 -0.49 -22.50
N THR B 148 -28.08 -0.39 -23.36
CA THR B 148 -28.14 0.51 -24.51
C THR B 148 -27.71 -0.24 -25.76
N THR B 149 -27.74 0.45 -26.89
CA THR B 149 -27.31 -0.13 -28.17
C THR B 149 -26.16 0.73 -28.64
N ARG B 150 -25.39 1.19 -27.65
CA ARG B 150 -24.27 2.09 -27.87
C ARG B 150 -22.98 1.55 -27.19
N GLN B 151 -22.93 0.24 -26.99
CA GLN B 151 -21.80 -0.41 -26.31
C GLN B 151 -20.41 0.00 -26.82
N ASP B 152 -20.31 0.39 -28.08
CA ASP B 152 -19.02 0.79 -28.62
C ASP B 152 -18.63 2.17 -28.09
N ARG B 153 -19.63 2.98 -27.73
CA ARG B 153 -19.36 4.31 -27.19
C ARG B 153 -19.59 4.31 -25.68
N PHE B 154 -19.57 3.12 -25.08
CA PHE B 154 -19.76 3.02 -23.65
C PHE B 154 -18.52 2.45 -22.95
N ALA B 155 -18.11 3.11 -21.89
CA ALA B 155 -16.93 2.70 -21.14
C ALA B 155 -17.04 3.10 -19.68
N GLY B 156 -15.97 2.87 -18.93
CA GLY B 156 -15.96 3.25 -17.53
C GLY B 156 -14.93 4.36 -17.39
N LEU B 157 -15.21 5.34 -16.55
CA LEU B 157 -14.26 6.42 -16.31
C LEU B 157 -14.36 6.56 -14.81
N HIS B 158 -13.43 5.90 -14.12
CA HIS B 158 -13.43 5.84 -12.67
C HIS B 158 -12.47 6.86 -12.04
N PHE B 159 -13.04 7.79 -11.25
CA PHE B 159 -12.24 8.82 -10.60
C PHE B 159 -11.97 8.53 -9.12
N PHE B 160 -11.14 9.36 -8.50
CA PHE B 160 -10.83 9.19 -7.09
C PHE B 160 -11.04 10.43 -6.26
N ASN B 161 -11.66 10.25 -5.09
CA ASN B 161 -11.95 11.35 -4.18
C ASN B 161 -10.70 11.81 -3.44
N PRO B 162 -10.49 13.14 -3.36
CA PRO B 162 -11.30 14.23 -3.90
C PRO B 162 -10.93 14.43 -5.37
N VAL B 163 -11.90 14.32 -6.26
CA VAL B 163 -11.64 14.45 -7.69
C VAL B 163 -10.75 15.63 -8.09
N PRO B 164 -11.06 16.83 -7.63
CA PRO B 164 -10.18 17.94 -8.02
C PRO B 164 -8.75 17.81 -7.52
N VAL B 165 -8.50 16.85 -6.63
CA VAL B 165 -7.16 16.64 -6.09
C VAL B 165 -6.45 15.43 -6.71
N MET B 166 -7.12 14.27 -6.64
CA MET B 166 -6.56 13.02 -7.15
C MET B 166 -6.38 13.05 -8.66
N LYS B 167 -5.14 12.87 -9.09
CA LYS B 167 -4.80 12.91 -10.51
C LYS B 167 -5.06 11.63 -11.30
N LEU B 168 -5.33 10.54 -10.59
CA LEU B 168 -5.57 9.27 -11.28
C LEU B 168 -6.99 9.06 -11.76
N VAL B 169 -7.11 8.47 -12.95
CA VAL B 169 -8.42 8.13 -13.48
C VAL B 169 -8.28 6.81 -14.21
N GLU B 170 -9.14 5.85 -13.88
CA GLU B 170 -9.10 4.55 -14.53
C GLU B 170 -10.07 4.52 -15.71
N VAL B 171 -9.54 4.32 -16.91
CA VAL B 171 -10.37 4.27 -18.11
C VAL B 171 -10.65 2.81 -18.40
N ILE B 172 -11.87 2.39 -18.07
CA ILE B 172 -12.30 1.00 -18.25
C ILE B 172 -12.92 0.71 -19.61
N LYS B 173 -12.26 -0.18 -20.34
CA LYS B 173 -12.72 -0.57 -21.67
C LYS B 173 -13.35 -1.96 -21.61
N THR B 174 -14.61 -2.07 -22.04
CA THR B 174 -15.28 -3.38 -22.03
C THR B 174 -14.94 -4.06 -23.36
N PRO B 175 -15.19 -5.37 -23.47
CA PRO B 175 -14.89 -6.10 -24.71
C PRO B 175 -15.63 -5.53 -25.93
N MET B 176 -16.51 -4.56 -25.71
CA MET B 176 -17.27 -3.93 -26.78
C MET B 176 -16.86 -2.49 -27.05
N THR B 177 -16.21 -1.87 -26.08
CA THR B 177 -15.78 -0.49 -26.20
C THR B 177 -14.87 -0.28 -27.40
N SER B 178 -15.19 0.74 -28.20
CA SER B 178 -14.42 1.09 -29.37
C SER B 178 -13.05 1.60 -28.97
N GLN B 179 -12.10 1.51 -29.90
CA GLN B 179 -10.74 2.00 -29.66
C GLN B 179 -10.80 3.51 -29.77
N LYS B 180 -11.65 3.99 -30.66
CA LYS B 180 -11.85 5.42 -30.87
C LYS B 180 -12.44 6.03 -29.59
N THR B 181 -13.38 5.32 -28.98
CA THR B 181 -14.01 5.77 -27.75
C THR B 181 -12.99 5.80 -26.61
N PHE B 182 -12.15 4.78 -26.57
CA PHE B 182 -11.12 4.67 -25.56
C PHE B 182 -10.16 5.84 -25.62
N GLU B 183 -9.58 6.07 -26.78
CA GLU B 183 -8.62 7.15 -26.94
C GLU B 183 -9.26 8.49 -26.62
N SER B 184 -10.53 8.64 -26.99
CA SER B 184 -11.23 9.89 -26.71
C SER B 184 -11.30 10.13 -25.20
N LEU B 185 -11.51 9.06 -24.42
CA LEU B 185 -11.58 9.19 -22.97
C LEU B 185 -10.20 9.40 -22.40
N VAL B 186 -9.20 8.82 -23.05
CA VAL B 186 -7.83 8.99 -22.60
C VAL B 186 -7.42 10.46 -22.84
N ASP B 187 -7.83 11.04 -23.96
CA ASP B 187 -7.54 12.44 -24.27
C ASP B 187 -8.29 13.39 -23.33
N PHE B 188 -9.53 13.02 -23.01
CA PHE B 188 -10.34 13.83 -22.10
C PHE B 188 -9.70 13.83 -20.71
N SER B 189 -9.31 12.64 -20.25
CA SER B 189 -8.67 12.51 -18.93
C SER B 189 -7.45 13.44 -18.81
N LYS B 190 -6.61 13.44 -19.84
CA LYS B 190 -5.43 14.29 -19.85
C LYS B 190 -5.78 15.77 -19.90
N ALA B 191 -6.86 16.09 -20.60
CA ALA B 191 -7.30 17.48 -20.70
C ALA B 191 -7.80 17.96 -19.33
N LEU B 192 -8.23 17.01 -18.50
CA LEU B 192 -8.71 17.35 -17.17
C LEU B 192 -7.49 17.53 -16.27
N GLY B 193 -6.31 17.26 -16.83
CA GLY B 193 -5.08 17.38 -16.06
C GLY B 193 -4.88 16.11 -15.23
N LYS B 194 -5.56 15.03 -15.63
CA LYS B 194 -5.46 13.75 -14.93
C LYS B 194 -4.49 12.83 -15.64
N HIS B 195 -4.12 11.73 -14.97
CA HIS B 195 -3.23 10.75 -15.55
C HIS B 195 -4.00 9.43 -15.68
N PRO B 196 -4.50 9.14 -16.89
CA PRO B 196 -5.27 7.94 -17.20
C PRO B 196 -4.47 6.65 -17.28
N VAL B 197 -5.06 5.58 -16.76
CA VAL B 197 -4.46 4.26 -16.82
C VAL B 197 -5.54 3.40 -17.40
N SER B 198 -5.16 2.29 -18.02
CA SER B 198 -6.14 1.42 -18.64
C SER B 198 -6.34 0.09 -17.91
N CYS B 199 -7.56 -0.40 -17.94
CA CYS B 199 -7.91 -1.67 -17.30
C CYS B 199 -9.19 -2.21 -17.90
N LYS B 200 -9.33 -3.54 -17.90
CA LYS B 200 -10.52 -4.19 -18.43
C LYS B 200 -11.67 -4.11 -17.43
N ASP B 201 -12.88 -4.47 -17.87
CA ASP B 201 -14.04 -4.43 -17.01
C ASP B 201 -14.10 -5.62 -16.05
N THR B 202 -13.11 -5.68 -15.17
CA THR B 202 -13.01 -6.73 -14.17
C THR B 202 -13.32 -6.09 -12.83
N PRO B 203 -13.93 -6.84 -11.90
CA PRO B 203 -14.26 -6.29 -10.58
C PRO B 203 -13.11 -5.58 -9.86
N GLY B 204 -13.39 -4.36 -9.42
CA GLY B 204 -12.41 -3.55 -8.72
C GLY B 204 -11.41 -2.85 -9.63
N PHE B 205 -11.45 -3.18 -10.92
CA PHE B 205 -10.54 -2.58 -11.89
C PHE B 205 -9.12 -2.77 -11.34
N ILE B 206 -8.39 -1.68 -11.10
CA ILE B 206 -7.04 -1.85 -10.56
C ILE B 206 -6.92 -1.54 -9.07
N VAL B 207 -7.13 -0.27 -8.72
CA VAL B 207 -6.98 0.17 -7.35
C VAL B 207 -7.77 -0.56 -6.27
N ASN B 208 -9.10 -0.58 -6.37
CA ASN B 208 -9.90 -1.25 -5.35
C ASN B 208 -9.67 -2.75 -5.34
N ARG B 209 -9.45 -3.33 -6.52
CA ARG B 209 -9.22 -4.75 -6.62
C ARG B 209 -8.00 -5.17 -5.81
N LEU B 210 -7.01 -4.29 -5.71
CA LEU B 210 -5.79 -4.59 -4.96
C LEU B 210 -5.78 -3.97 -3.57
N LEU B 211 -6.56 -2.91 -3.39
CA LEU B 211 -6.61 -2.25 -2.10
C LEU B 211 -7.61 -2.86 -1.12
N VAL B 212 -8.86 -3.01 -1.55
CA VAL B 212 -9.91 -3.53 -0.68
C VAL B 212 -9.64 -4.87 -0.03
N PRO B 213 -9.33 -5.91 -0.83
CA PRO B 213 -9.04 -7.22 -0.25
C PRO B 213 -7.89 -7.17 0.77
N TYR B 214 -6.98 -6.21 0.59
CA TYR B 214 -5.87 -6.04 1.52
C TYR B 214 -6.40 -5.43 2.82
N LEU B 215 -7.36 -4.51 2.70
CA LEU B 215 -7.95 -3.88 3.88
C LEU B 215 -8.72 -4.94 4.67
N MET B 216 -9.41 -5.83 3.96
CA MET B 216 -10.15 -6.91 4.61
C MET B 216 -9.16 -7.81 5.32
N GLU B 217 -8.05 -8.11 4.64
CA GLU B 217 -7.04 -8.95 5.26
C GLU B 217 -6.51 -8.33 6.54
N ALA B 218 -6.42 -7.01 6.59
CA ALA B 218 -5.94 -6.33 7.79
C ALA B 218 -6.94 -6.53 8.94
N ILE B 219 -8.23 -6.44 8.62
CA ILE B 219 -9.26 -6.63 9.63
C ILE B 219 -9.22 -8.06 10.18
N ARG B 220 -9.10 -9.03 9.28
CA ARG B 220 -9.06 -10.43 9.69
C ARG B 220 -7.89 -10.71 10.62
N LEU B 221 -6.75 -10.06 10.36
CA LEU B 221 -5.55 -10.25 11.16
C LEU B 221 -5.82 -9.77 12.59
N TYR B 222 -6.56 -8.67 12.68
CA TYR B 222 -6.96 -8.07 13.93
C TYR B 222 -8.00 -8.96 14.63
N GLU B 223 -9.04 -9.36 13.90
CA GLU B 223 -10.09 -10.19 14.46
C GLU B 223 -9.52 -11.50 15.00
N ARG B 224 -8.43 -11.92 14.37
CA ARG B 224 -7.78 -13.17 14.73
C ARG B 224 -7.04 -12.96 16.05
N GLY B 225 -6.89 -11.70 16.43
CA GLY B 225 -6.20 -11.37 17.67
C GLY B 225 -4.69 -11.44 17.54
N ASP B 226 -4.18 -11.34 16.32
CA ASP B 226 -2.73 -11.41 16.12
C ASP B 226 -1.98 -10.13 16.45
N ALA B 227 -2.68 -9.00 16.42
CA ALA B 227 -2.07 -7.71 16.74
C ALA B 227 -3.17 -6.66 16.94
N SER B 228 -2.82 -5.52 17.54
CA SER B 228 -3.78 -4.45 17.75
C SER B 228 -3.92 -3.62 16.47
N LYS B 229 -5.02 -2.88 16.34
CA LYS B 229 -5.24 -2.05 15.17
C LYS B 229 -4.17 -0.97 15.10
N GLU B 230 -3.82 -0.42 16.25
CA GLU B 230 -2.80 0.62 16.34
C GLU B 230 -1.46 0.14 15.79
N ASP B 231 -1.04 -1.06 16.20
CA ASP B 231 0.24 -1.59 15.71
C ASP B 231 0.15 -1.94 14.23
N ILE B 232 -1.00 -2.45 13.79
CA ILE B 232 -1.15 -2.78 12.39
C ILE B 232 -1.01 -1.50 11.56
N ASP B 233 -1.65 -0.43 11.98
CA ASP B 233 -1.55 0.83 11.24
C ASP B 233 -0.12 1.35 11.26
N THR B 234 0.51 1.30 12.43
CA THR B 234 1.88 1.76 12.53
C THR B 234 2.81 0.93 11.64
N ALA B 235 2.55 -0.37 11.60
CA ALA B 235 3.37 -1.28 10.80
C ALA B 235 3.33 -0.94 9.32
N MET B 236 2.13 -0.76 8.78
CA MET B 236 1.99 -0.45 7.37
C MET B 236 2.48 0.94 7.02
N LYS B 237 2.40 1.88 7.95
CA LYS B 237 2.90 3.23 7.67
C LYS B 237 4.42 3.27 7.70
N LEU B 238 5.02 2.75 8.77
CA LEU B 238 6.47 2.76 8.89
C LEU B 238 7.15 1.62 8.15
N GLY B 239 6.47 0.48 8.03
CA GLY B 239 7.07 -0.65 7.34
C GLY B 239 6.88 -0.67 5.84
N ALA B 240 5.75 -0.17 5.36
CA ALA B 240 5.51 -0.16 3.93
C ALA B 240 5.38 1.24 3.35
N GLY B 241 5.58 2.25 4.19
CA GLY B 241 5.50 3.63 3.72
C GLY B 241 4.14 4.14 3.32
N TYR B 242 3.07 3.45 3.72
CA TYR B 242 1.71 3.89 3.37
C TYR B 242 1.33 5.18 4.13
N PRO B 243 0.53 6.05 3.47
CA PRO B 243 0.07 7.33 4.04
C PRO B 243 -0.80 7.12 5.27
N MET B 244 -1.62 6.07 5.23
CA MET B 244 -2.50 5.78 6.35
C MET B 244 -2.49 4.28 6.64
N GLY B 245 -2.69 3.92 7.90
CA GLY B 245 -2.75 2.51 8.26
C GLY B 245 -4.06 1.99 7.70
N PRO B 246 -4.21 0.67 7.53
CA PRO B 246 -5.46 0.11 6.99
C PRO B 246 -6.76 0.50 7.70
N PHE B 247 -6.73 0.61 9.03
CA PHE B 247 -7.93 0.96 9.77
C PHE B 247 -8.27 2.44 9.64
N GLU B 248 -7.23 3.29 9.63
CA GLU B 248 -7.43 4.72 9.47
C GLU B 248 -8.04 4.92 8.08
N LEU B 249 -7.49 4.22 7.09
CA LEU B 249 -7.96 4.32 5.72
C LEU B 249 -9.38 3.77 5.59
N LEU B 250 -9.66 2.68 6.31
CA LEU B 250 -10.99 2.09 6.27
C LEU B 250 -12.05 3.09 6.78
N ASP B 251 -11.72 3.80 7.85
CA ASP B 251 -12.66 4.79 8.36
C ASP B 251 -12.76 5.98 7.40
N TYR B 252 -11.68 6.24 6.68
CA TYR B 252 -11.62 7.33 5.73
C TYR B 252 -12.48 7.09 4.48
N VAL B 253 -12.50 5.85 3.99
CA VAL B 253 -13.28 5.55 2.80
C VAL B 253 -14.70 5.09 3.11
N GLY B 254 -14.99 4.92 4.39
CA GLY B 254 -16.33 4.48 4.79
C GLY B 254 -16.42 2.98 4.96
N LEU B 255 -16.82 2.55 6.15
CA LEU B 255 -16.94 1.12 6.42
C LEU B 255 -18.11 0.50 5.68
N ASP B 256 -19.19 1.25 5.51
CA ASP B 256 -20.34 0.74 4.80
C ASP B 256 -20.00 0.63 3.33
N THR B 257 -19.28 1.63 2.83
CA THR B 257 -18.88 1.65 1.43
C THR B 257 -18.05 0.42 1.09
N THR B 258 -17.13 0.08 1.99
CA THR B 258 -16.27 -1.08 1.80
C THR B 258 -17.08 -2.36 1.85
N LYS B 259 -17.86 -2.51 2.93
CA LYS B 259 -18.70 -3.69 3.10
C LYS B 259 -19.52 -3.94 1.84
N PHE B 260 -20.08 -2.87 1.30
CA PHE B 260 -20.89 -2.95 0.09
C PHE B 260 -20.12 -3.60 -1.05
N ILE B 261 -18.89 -3.15 -1.26
CA ILE B 261 -18.06 -3.68 -2.33
C ILE B 261 -17.66 -5.14 -2.11
N VAL B 262 -17.30 -5.47 -0.87
CA VAL B 262 -16.91 -6.84 -0.55
C VAL B 262 -18.08 -7.80 -0.67
N ASP B 263 -19.24 -7.45 -0.10
CA ASP B 263 -20.41 -8.33 -0.21
C ASP B 263 -20.68 -8.57 -1.69
N GLY B 264 -20.54 -7.51 -2.48
CA GLY B 264 -20.76 -7.62 -3.91
C GLY B 264 -19.89 -8.72 -4.49
N TRP B 265 -18.62 -8.76 -4.09
CA TRP B 265 -17.71 -9.78 -4.60
C TRP B 265 -17.95 -11.13 -3.94
N HIS B 266 -18.52 -11.11 -2.74
CA HIS B 266 -18.81 -12.33 -2.01
C HIS B 266 -19.92 -13.08 -2.72
N GLU B 267 -21.02 -12.39 -3.02
CA GLU B 267 -22.14 -13.02 -3.70
C GLU B 267 -21.68 -13.49 -5.07
N MET B 268 -20.94 -12.62 -5.74
CA MET B 268 -20.40 -12.91 -7.08
C MET B 268 -19.47 -14.13 -7.03
N ASP B 269 -18.89 -14.39 -5.87
CA ASP B 269 -17.96 -15.50 -5.71
C ASP B 269 -17.73 -15.84 -4.23
N ALA B 270 -18.76 -16.38 -3.59
CA ALA B 270 -18.73 -16.76 -2.18
C ALA B 270 -17.62 -17.75 -1.81
N GLU B 271 -16.93 -18.28 -2.81
CA GLU B 271 -15.86 -19.23 -2.55
C GLU B 271 -14.52 -18.58 -2.20
N ASN B 272 -14.24 -17.42 -2.79
CA ASN B 272 -12.98 -16.73 -2.54
C ASN B 272 -12.85 -16.28 -1.08
N PRO B 273 -11.73 -16.64 -0.43
CA PRO B 273 -11.42 -16.31 0.97
C PRO B 273 -11.13 -14.83 1.23
N LEU B 274 -10.85 -14.07 0.16
CA LEU B 274 -10.56 -12.65 0.29
C LEU B 274 -11.83 -11.84 0.49
N HIS B 275 -12.96 -12.40 0.05
CA HIS B 275 -14.23 -11.69 0.15
C HIS B 275 -15.11 -12.23 1.27
N GLN B 276 -14.53 -13.03 2.16
CA GLN B 276 -15.30 -13.58 3.28
C GLN B 276 -15.70 -12.43 4.21
N PRO B 277 -16.97 -12.39 4.62
CA PRO B 277 -17.49 -11.34 5.50
C PRO B 277 -16.75 -11.24 6.84
N SER B 278 -16.74 -10.03 7.39
CA SER B 278 -16.08 -9.77 8.67
C SER B 278 -17.06 -9.38 9.77
N PRO B 279 -17.12 -10.18 10.84
CA PRO B 279 -18.04 -9.88 11.96
C PRO B 279 -17.87 -8.45 12.44
N SER B 280 -16.63 -8.04 12.67
CA SER B 280 -16.35 -6.69 13.12
C SER B 280 -16.92 -5.67 12.14
N LEU B 281 -16.51 -5.78 10.88
CA LEU B 281 -16.98 -4.87 9.86
C LEU B 281 -18.50 -4.81 9.86
N ASN B 282 -19.14 -5.98 9.78
CA ASN B 282 -20.60 -6.02 9.77
C ASN B 282 -21.23 -5.36 10.99
N LYS B 283 -20.69 -5.65 12.17
CA LYS B 283 -21.23 -5.05 13.38
C LYS B 283 -21.21 -3.53 13.31
N LEU B 284 -20.02 -2.96 13.09
CA LEU B 284 -19.87 -1.51 12.99
C LEU B 284 -20.89 -0.91 12.03
N VAL B 285 -20.96 -1.44 10.82
CA VAL B 285 -21.90 -0.93 9.83
C VAL B 285 -23.32 -1.08 10.38
N ALA B 286 -23.60 -2.24 10.96
CA ALA B 286 -24.92 -2.49 11.55
C ALA B 286 -25.30 -1.34 12.46
N GLU B 287 -24.46 -1.08 13.46
CA GLU B 287 -24.71 0.01 14.39
C GLU B 287 -24.32 1.37 13.83
N ASN B 288 -24.52 1.52 12.52
CA ASN B 288 -24.25 2.76 11.81
C ASN B 288 -22.98 3.54 12.13
N LYS B 289 -21.88 2.83 12.33
CA LYS B 289 -20.60 3.49 12.61
C LYS B 289 -19.79 3.29 11.33
N PHE B 290 -19.92 4.25 10.41
CA PHE B 290 -19.29 4.16 9.11
C PHE B 290 -17.92 4.77 8.92
N GLY B 291 -17.33 5.30 9.98
CA GLY B 291 -16.03 5.90 9.83
C GLY B 291 -16.04 7.38 10.13
N LYS B 292 -15.15 8.13 9.48
CA LYS B 292 -15.09 9.56 9.70
C LYS B 292 -16.40 10.26 9.40
N LYS B 293 -17.11 9.78 8.37
CA LYS B 293 -18.39 10.37 7.97
C LYS B 293 -19.53 10.02 8.93
N THR B 294 -19.19 9.81 10.19
CA THR B 294 -20.17 9.49 11.21
C THR B 294 -19.50 9.79 12.54
N GLY B 295 -18.22 10.10 12.46
CA GLY B 295 -17.46 10.40 13.67
C GLY B 295 -16.98 9.13 14.35
N GLU B 296 -17.36 7.96 13.82
CA GLU B 296 -16.93 6.71 14.40
C GLU B 296 -16.98 5.53 13.45
N GLY B 297 -15.88 4.79 13.41
CA GLY B 297 -15.75 3.60 12.59
C GLY B 297 -14.94 2.68 13.48
N PHE B 298 -13.73 2.32 13.08
CA PHE B 298 -12.89 1.50 13.94
C PHE B 298 -12.34 2.42 15.03
N TYR B 299 -12.25 3.71 14.71
CA TYR B 299 -11.79 4.72 15.64
C TYR B 299 -12.88 5.78 15.80
N LYS B 300 -12.73 6.67 16.78
CA LYS B 300 -13.70 7.74 17.04
C LYS B 300 -13.12 9.10 16.63
N TYR B 301 -13.88 9.86 15.85
CA TYR B 301 -13.41 11.16 15.39
C TYR B 301 -14.24 12.35 15.85
N LYS B 302 -13.70 13.55 15.63
CA LYS B 302 -14.33 14.82 15.97
C LYS B 302 -14.89 14.87 17.39
#